data_5SLD
#
_entry.id   5SLD
#
_cell.length_a   67.728
_cell.length_b   68.717
_cell.length_c   138.389
_cell.angle_alpha   90.000
_cell.angle_beta   90.000
_cell.angle_gamma   90.000
#
_symmetry.space_group_name_H-M   'P 21 21 21'
#
loop_
_entity.id
_entity.type
_entity.pdbx_description
1 polymer 'Proofreading exoribonuclease nsp14'
2 non-polymer 'ZINC ION'
3 non-polymer 'PHOSPHATE ION'
4 non-polymer (2R)-3-(3,5-dimethyl-1,2-oxazol-4-yl)-N,N,2-trimethylpropanamide
5 water water
#
_entity_poly.entity_id   1
_entity_poly.type   'polypeptide(L)'
_entity_poly.pdbx_seq_one_letter_code
;SMLFKDCSKVITGLHPTQAPTHLSVDTKFKTEGLCVDIPGIPKDMTYRRLISMMGFKMNYQVNGYPNMFITREEAIRHVR
AWIGFDVEGCHATREAVGTNLPLQLGFSTGVNLVAVPTGYVDTPNNTDFSRVSAKPPPGDQFKHLIPLMYKGLPWNVVRI
KIVQMLSDTLKNLSDRVVFVLWAHGFELTSMKYFVKIGPERTCCLCDRRATCFSTASDTYACWHHSIGFDYVYNPFMIDV
QQWGFTGNLQSNHDLYCQVHGNAHVASCDAIMTRCLAVHECFVKRVDWTIEYPIIGDELKINAACRKVQHMVVKAALLAD
KFPVLHDIGNPKAIKCVPQADVEWKFYDAQPCSDKAYKIEELFYSYATHSDKFTDGVCLFWNCNVDRYPANSIVCRFDTR
VLSNLNLPGCDGGSLYVNKHAFHTPAFDKSAFVNLKQLPFFYYSDSPCESHGKQVVSDIDYVPLKSATCITRCNLGGAVC
RHHANEYRLYLDAYNMMISAGFSLWVYKQFDTYNLWNTFTRLQ
;
_entity_poly.pdbx_strand_id   D
#
loop_
_chem_comp.id
_chem_comp.type
_chem_comp.name
_chem_comp.formula
LJ6 non-polymer (2R)-3-(3,5-dimethyl-1,2-oxazol-4-yl)-N,N,2-trimethylpropanamide 'C11 H18 N2 O2'
PO4 non-polymer 'PHOSPHATE ION' 'O4 P -3'
ZN non-polymer 'ZINC ION' 'Zn 2'
#
# COMPACT_ATOMS: atom_id res chain seq x y z
N PRO A 20 -20.49 -2.31 -19.21
CA PRO A 20 -19.24 -3.05 -19.28
C PRO A 20 -18.53 -3.13 -17.93
N THR A 21 -19.22 -3.73 -16.94
CA THR A 21 -18.70 -3.90 -15.60
C THR A 21 -17.59 -4.96 -15.58
N HIS A 22 -17.81 -6.11 -16.26
CA HIS A 22 -16.83 -7.19 -16.27
C HIS A 22 -16.16 -7.35 -17.65
N LEU A 23 -15.07 -8.12 -17.71
CA LEU A 23 -14.37 -8.37 -18.98
C LEU A 23 -15.15 -9.42 -19.76
N SER A 24 -15.64 -9.07 -20.96
CA SER A 24 -16.40 -10.04 -21.75
C SER A 24 -15.51 -11.26 -22.09
N VAL A 25 -16.07 -12.48 -21.95
CA VAL A 25 -15.32 -13.66 -22.37
C VAL A 25 -15.07 -13.68 -23.88
N ASP A 26 -15.87 -12.91 -24.66
CA ASP A 26 -15.71 -12.82 -26.11
C ASP A 26 -14.63 -11.80 -26.54
N THR A 27 -13.96 -11.13 -25.57
CA THR A 27 -12.88 -10.21 -25.89
C THR A 27 -11.70 -11.01 -26.44
N LYS A 28 -10.96 -10.43 -27.37
CA LYS A 28 -9.81 -11.10 -27.97
C LYS A 28 -8.62 -11.03 -27.02
N PHE A 29 -7.86 -12.11 -26.99
CA PHE A 29 -6.65 -12.25 -26.17
C PHE A 29 -5.48 -12.43 -27.15
N LYS A 30 -4.42 -11.61 -27.03
CA LYS A 30 -3.29 -11.71 -27.96
C LYS A 30 -2.42 -12.88 -27.50
N THR A 31 -2.18 -13.86 -28.37
CA THR A 31 -1.47 -15.09 -28.02
C THR A 31 0.03 -15.11 -28.31
N GLU A 32 0.58 -14.05 -28.96
CA GLU A 32 2.01 -14.04 -29.31
C GLU A 32 2.97 -14.40 -28.15
N GLY A 33 2.72 -13.85 -26.96
CA GLY A 33 3.54 -14.15 -25.79
C GLY A 33 3.46 -15.58 -25.28
N LEU A 34 2.44 -16.34 -25.71
CA LEU A 34 2.23 -17.74 -25.30
C LEU A 34 2.84 -18.79 -26.28
N CYS A 35 3.26 -18.39 -27.50
CA CYS A 35 3.63 -19.39 -28.51
C CYS A 35 4.99 -20.10 -28.31
N VAL A 36 5.84 -19.70 -27.35
CA VAL A 36 7.08 -20.46 -27.11
C VAL A 36 6.75 -21.67 -26.24
N ASP A 37 5.92 -21.48 -25.20
CA ASP A 37 5.48 -22.62 -24.38
C ASP A 37 4.39 -23.43 -25.11
N ILE A 38 3.55 -22.77 -25.92
CA ILE A 38 2.45 -23.41 -26.66
C ILE A 38 2.60 -23.15 -28.18
N PRO A 39 3.58 -23.79 -28.83
CA PRO A 39 3.76 -23.59 -30.28
C PRO A 39 2.53 -24.01 -31.06
N GLY A 40 2.19 -23.23 -32.09
CA GLY A 40 1.03 -23.50 -32.92
C GLY A 40 -0.24 -22.86 -32.40
N ILE A 41 -0.20 -22.16 -31.23
CA ILE A 41 -1.41 -21.52 -30.71
C ILE A 41 -2.05 -20.56 -31.73
N PRO A 42 -3.39 -20.65 -31.92
CA PRO A 42 -4.06 -19.74 -32.86
C PRO A 42 -3.86 -18.29 -32.50
N LYS A 43 -3.68 -17.45 -33.53
CA LYS A 43 -3.57 -16.02 -33.35
C LYS A 43 -4.92 -15.44 -32.88
N ASP A 44 -6.02 -15.98 -33.45
CA ASP A 44 -7.36 -15.54 -33.11
C ASP A 44 -7.81 -16.32 -31.90
N MET A 45 -7.94 -15.62 -30.76
CA MET A 45 -8.29 -16.29 -29.52
C MET A 45 -9.16 -15.39 -28.66
N THR A 46 -10.19 -15.94 -28.02
CA THR A 46 -11.00 -15.19 -27.05
C THR A 46 -10.66 -15.71 -25.64
N TYR A 47 -11.07 -15.01 -24.56
CA TYR A 47 -10.93 -15.51 -23.20
C TYR A 47 -11.75 -16.80 -23.05
N ARG A 48 -12.93 -16.87 -23.71
CA ARG A 48 -13.78 -18.07 -23.69
C ARG A 48 -12.97 -19.30 -24.15
N ARG A 49 -12.26 -19.19 -25.31
CA ARG A 49 -11.46 -20.32 -25.80
C ARG A 49 -10.20 -20.58 -24.94
N LEU A 50 -9.57 -19.52 -24.42
CA LEU A 50 -8.37 -19.62 -23.58
C LEU A 50 -8.70 -20.38 -22.30
N ILE A 51 -9.81 -20.04 -21.64
CA ILE A 51 -10.25 -20.71 -20.41
C ILE A 51 -10.50 -22.19 -20.66
N SER A 52 -11.11 -22.52 -21.81
CA SER A 52 -11.32 -23.92 -22.19
C SER A 52 -9.96 -24.61 -22.39
N MET A 53 -9.01 -23.94 -23.07
CA MET A 53 -7.67 -24.48 -23.29
C MET A 53 -6.97 -24.79 -21.96
N MET A 54 -7.23 -23.93 -20.97
CA MET A 54 -6.68 -24.06 -19.62
C MET A 54 -7.28 -25.26 -18.81
N GLY A 55 -8.27 -25.95 -19.40
CA GLY A 55 -8.92 -27.08 -18.75
C GLY A 55 -10.08 -26.75 -17.84
N PHE A 56 -10.64 -25.54 -17.92
CA PHE A 56 -11.77 -25.15 -17.09
C PHE A 56 -13.06 -25.08 -17.91
N LYS A 57 -14.20 -25.33 -17.27
CA LYS A 57 -15.49 -25.25 -17.96
C LYS A 57 -16.39 -24.23 -17.25
N MET A 58 -16.84 -23.19 -17.96
CA MET A 58 -17.69 -22.16 -17.33
C MET A 58 -19.20 -22.54 -17.35
N ASN A 59 -19.64 -23.41 -18.30
CA ASN A 59 -21.00 -23.96 -18.41
C ASN A 59 -22.20 -22.94 -18.47
N TYR A 60 -22.09 -21.82 -19.23
CA TYR A 60 -23.14 -20.77 -19.35
C TYR A 60 -23.67 -20.35 -17.97
N GLN A 61 -22.77 -20.14 -17.02
CA GLN A 61 -23.14 -19.84 -15.64
C GLN A 61 -23.18 -18.32 -15.33
N VAL A 62 -24.40 -17.79 -15.08
CA VAL A 62 -24.55 -16.40 -14.65
C VAL A 62 -24.69 -16.41 -13.13
N ASN A 63 -23.64 -16.87 -12.44
CA ASN A 63 -23.68 -16.97 -10.98
C ASN A 63 -22.52 -16.22 -10.31
N GLY A 64 -22.30 -14.98 -10.74
CA GLY A 64 -21.29 -14.11 -10.15
C GLY A 64 -19.86 -14.20 -10.65
N TYR A 65 -19.52 -15.23 -11.42
CA TYR A 65 -18.14 -15.41 -11.90
C TYR A 65 -18.14 -15.48 -13.42
N PRO A 66 -18.28 -14.33 -14.11
CA PRO A 66 -18.42 -14.36 -15.58
C PRO A 66 -17.14 -14.67 -16.35
N ASN A 67 -15.98 -14.43 -15.73
CA ASN A 67 -14.69 -14.63 -16.37
C ASN A 67 -13.61 -14.78 -15.30
N MET A 68 -12.62 -15.65 -15.54
CA MET A 68 -11.47 -15.79 -14.63
C MET A 68 -10.56 -14.52 -14.74
N PHE A 69 -10.53 -13.90 -15.94
CA PHE A 69 -9.74 -12.72 -16.21
C PHE A 69 -10.54 -11.45 -15.98
N ILE A 70 -9.88 -10.39 -15.53
CA ILE A 70 -10.53 -9.14 -15.24
C ILE A 70 -9.92 -7.95 -16.01
N THR A 71 -10.67 -6.86 -16.10
CA THR A 71 -10.22 -5.63 -16.73
C THR A 71 -9.12 -4.96 -15.88
N ARG A 72 -8.39 -4.01 -16.49
CA ARG A 72 -7.39 -3.22 -15.77
C ARG A 72 -8.08 -2.40 -14.66
N GLU A 73 -9.27 -1.87 -14.93
CA GLU A 73 -10.05 -1.08 -13.98
C GLU A 73 -10.50 -1.93 -12.78
N GLU A 74 -10.96 -3.18 -13.04
CA GLU A 74 -11.34 -4.07 -11.94
C GLU A 74 -10.08 -4.42 -11.14
N ALA A 75 -8.94 -4.67 -11.81
CA ALA A 75 -7.69 -4.99 -11.11
C ALA A 75 -7.22 -3.85 -10.19
N ILE A 76 -7.31 -2.60 -10.67
CA ILE A 76 -6.89 -1.42 -9.89
C ILE A 76 -7.75 -1.31 -8.62
N ARG A 77 -9.08 -1.53 -8.76
CA ARG A 77 -9.95 -1.52 -7.58
C ARG A 77 -9.59 -2.61 -6.57
N HIS A 78 -9.00 -3.72 -7.04
CA HIS A 78 -8.61 -4.84 -6.20
C HIS A 78 -7.09 -4.97 -6.08
N VAL A 79 -6.35 -3.84 -6.07
CA VAL A 79 -4.90 -3.88 -5.97
C VAL A 79 -4.42 -4.65 -4.70
N ARG A 80 -5.17 -4.58 -3.56
CA ARG A 80 -4.78 -5.32 -2.37
C ARG A 80 -4.69 -6.84 -2.57
N ALA A 81 -5.41 -7.36 -3.59
CA ALA A 81 -5.44 -8.80 -3.90
C ALA A 81 -4.30 -9.21 -4.83
N TRP A 82 -3.50 -8.27 -5.36
CA TRP A 82 -2.50 -8.61 -6.37
C TRP A 82 -1.38 -9.50 -5.86
N ILE A 83 -1.21 -10.66 -6.54
CA ILE A 83 -0.15 -11.61 -6.27
C ILE A 83 0.46 -11.91 -7.62
N GLY A 84 1.68 -11.48 -7.87
CA GLY A 84 2.39 -11.81 -9.10
C GLY A 84 2.64 -13.30 -9.14
N PHE A 85 2.55 -13.90 -10.34
CA PHE A 85 2.69 -15.33 -10.44
C PHE A 85 3.38 -15.69 -11.75
N ASP A 86 4.42 -16.50 -11.65
CA ASP A 86 5.18 -16.96 -12.82
C ASP A 86 5.47 -18.44 -12.68
N VAL A 87 5.53 -19.14 -13.81
CA VAL A 87 5.87 -20.54 -13.82
C VAL A 87 6.97 -20.76 -14.83
N GLU A 88 8.06 -21.40 -14.40
CA GLU A 88 9.19 -21.65 -15.29
C GLU A 88 9.48 -23.13 -15.38
N GLY A 89 9.78 -23.60 -16.57
CA GLY A 89 10.13 -25.00 -16.77
C GLY A 89 11.48 -25.31 -16.12
N CYS A 90 11.48 -26.25 -15.15
CA CYS A 90 12.75 -26.66 -14.51
C CYS A 90 13.58 -27.44 -15.53
N HIS A 91 12.91 -28.29 -16.34
CA HIS A 91 13.54 -29.09 -17.39
C HIS A 91 12.88 -28.77 -18.74
N GLY A 98 5.66 -29.43 -17.88
CA GLY A 98 5.12 -29.74 -19.20
C GLY A 98 4.61 -31.17 -19.28
N THR A 99 3.98 -31.63 -18.16
CA THR A 99 3.41 -32.98 -17.92
C THR A 99 4.54 -34.03 -17.74
N ASN A 100 5.71 -33.81 -18.37
CA ASN A 100 6.86 -34.69 -18.23
C ASN A 100 8.00 -34.04 -17.42
N LEU A 101 7.97 -32.71 -17.25
CA LEU A 101 9.04 -32.00 -16.56
C LEU A 101 8.59 -31.23 -15.30
N PRO A 102 9.50 -31.07 -14.34
CA PRO A 102 9.15 -30.30 -13.12
C PRO A 102 8.95 -28.81 -13.43
N LEU A 103 8.10 -28.15 -12.67
CA LEU A 103 7.81 -26.75 -12.88
C LEU A 103 8.16 -25.97 -11.63
N GLN A 104 8.70 -24.78 -11.81
CA GLN A 104 9.00 -23.89 -10.70
C GLN A 104 7.93 -22.81 -10.66
N LEU A 105 7.15 -22.78 -9.57
CA LEU A 105 6.05 -21.84 -9.38
C LEU A 105 6.60 -20.72 -8.50
N GLY A 106 6.56 -19.50 -9.00
CA GLY A 106 7.07 -18.36 -8.25
C GLY A 106 5.97 -17.35 -7.98
N PHE A 107 5.96 -16.78 -6.75
CA PHE A 107 4.95 -15.82 -6.35
C PHE A 107 5.62 -14.51 -5.89
N SER A 108 4.90 -13.36 -5.98
CA SER A 108 5.50 -12.09 -5.55
C SER A 108 5.74 -11.98 -4.01
N THR A 109 5.34 -13.01 -3.27
CA THR A 109 5.65 -13.17 -1.84
C THR A 109 7.14 -13.63 -1.66
N GLY A 110 7.85 -13.94 -2.76
CA GLY A 110 9.21 -14.45 -2.73
C GLY A 110 9.31 -15.97 -2.69
N VAL A 111 8.17 -16.66 -2.62
CA VAL A 111 8.15 -18.11 -2.52
C VAL A 111 8.30 -18.79 -3.90
N ASN A 112 9.16 -19.83 -3.96
CA ASN A 112 9.30 -20.67 -5.14
C ASN A 112 9.01 -22.12 -4.72
N LEU A 113 8.00 -22.73 -5.34
CA LEU A 113 7.65 -24.14 -5.11
C LEU A 113 7.99 -24.94 -6.37
N VAL A 114 8.55 -26.14 -6.22
CA VAL A 114 8.79 -27.00 -7.39
C VAL A 114 7.76 -28.12 -7.38
N ALA A 115 6.98 -28.21 -8.46
CA ALA A 115 5.96 -29.24 -8.60
C ALA A 115 6.41 -30.28 -9.62
N VAL A 116 6.44 -31.54 -9.20
CA VAL A 116 6.82 -32.63 -10.10
C VAL A 116 5.55 -33.34 -10.60
N PRO A 117 5.55 -33.77 -11.86
CA PRO A 117 4.36 -34.44 -12.39
C PRO A 117 4.20 -35.91 -11.99
N THR A 118 5.24 -36.51 -11.35
CA THR A 118 5.35 -37.92 -10.93
C THR A 118 4.03 -38.72 -10.88
N PRO A 147 13.04 -15.13 -1.95
CA PRO A 147 13.92 -16.09 -2.63
C PRO A 147 13.91 -17.47 -1.95
N LEU A 148 12.79 -17.84 -1.31
CA LEU A 148 12.67 -19.12 -0.62
C LEU A 148 12.47 -20.26 -1.61
N MET A 149 13.43 -21.21 -1.68
CA MET A 149 13.38 -22.32 -2.64
C MET A 149 12.98 -23.65 -1.99
N TYR A 150 11.94 -24.30 -2.53
CA TYR A 150 11.50 -25.60 -2.01
C TYR A 150 11.73 -26.71 -3.02
N LYS A 151 12.13 -27.90 -2.54
CA LYS A 151 12.41 -29.05 -3.40
C LYS A 151 11.14 -29.69 -4.00
N GLY A 152 11.31 -30.35 -5.14
CA GLY A 152 10.27 -31.00 -5.94
C GLY A 152 9.28 -31.87 -5.20
N LEU A 153 7.98 -31.55 -5.33
CA LEU A 153 6.91 -32.28 -4.65
C LEU A 153 5.70 -32.44 -5.55
N PRO A 154 4.89 -33.52 -5.42
CA PRO A 154 3.71 -33.66 -6.27
C PRO A 154 2.64 -32.60 -6.03
N TRP A 155 1.82 -32.35 -7.04
CA TRP A 155 0.76 -31.34 -6.98
C TRP A 155 -0.20 -31.42 -5.81
N ASN A 156 -0.54 -32.66 -5.38
CA ASN A 156 -1.46 -32.83 -4.25
C ASN A 156 -0.96 -32.19 -2.96
N VAL A 157 0.37 -32.03 -2.81
CA VAL A 157 0.90 -31.37 -1.60
C VAL A 157 1.26 -29.90 -1.89
N VAL A 158 1.72 -29.60 -3.13
CA VAL A 158 2.00 -28.21 -3.54
C VAL A 158 0.73 -27.34 -3.40
N ARG A 159 -0.45 -27.87 -3.85
CA ARG A 159 -1.68 -27.09 -3.75
C ARG A 159 -2.04 -26.69 -2.31
N ILE A 160 -1.78 -27.58 -1.33
CA ILE A 160 -2.02 -27.28 0.09
C ILE A 160 -1.18 -26.06 0.54
N LYS A 161 0.10 -26.01 0.11
CA LYS A 161 1.01 -24.91 0.44
C LYS A 161 0.57 -23.61 -0.22
N ILE A 162 0.11 -23.68 -1.49
CA ILE A 162 -0.39 -22.50 -2.19
C ILE A 162 -1.57 -21.87 -1.43
N VAL A 163 -2.54 -22.70 -1.02
CA VAL A 163 -3.68 -22.21 -0.27
C VAL A 163 -3.24 -21.56 1.06
N GLN A 164 -2.35 -22.21 1.81
CA GLN A 164 -1.84 -21.64 3.07
C GLN A 164 -1.14 -20.28 2.82
N MET A 165 -0.26 -20.21 1.80
CA MET A 165 0.51 -19.00 1.52
C MET A 165 -0.42 -17.84 1.14
N LEU A 166 -1.33 -18.05 0.17
CA LEU A 166 -2.27 -17.00 -0.23
C LEU A 166 -3.16 -16.57 0.94
N SER A 167 -3.65 -17.53 1.73
CA SER A 167 -4.49 -17.22 2.87
C SER A 167 -3.77 -16.35 3.90
N ASP A 168 -2.52 -16.71 4.26
CA ASP A 168 -1.77 -15.90 5.23
C ASP A 168 -1.43 -14.51 4.71
N THR A 169 -1.17 -14.41 3.41
CA THR A 169 -0.82 -13.13 2.79
C THR A 169 -2.04 -12.21 2.65
N LEU A 170 -3.17 -12.76 2.20
CA LEU A 170 -4.34 -11.98 1.85
C LEU A 170 -5.47 -11.84 2.88
N LYS A 171 -5.54 -12.67 3.94
CA LYS A 171 -6.67 -12.60 4.87
C LYS A 171 -6.97 -11.18 5.42
N ASN A 172 -5.94 -10.40 5.71
CA ASN A 172 -6.12 -9.04 6.24
C ASN A 172 -6.02 -7.95 5.16
N LEU A 173 -6.06 -8.31 3.88
CA LEU A 173 -5.94 -7.35 2.80
C LEU A 173 -7.16 -7.30 1.88
N SER A 174 -7.67 -8.48 1.51
CA SER A 174 -8.68 -8.55 0.48
C SER A 174 -9.61 -9.74 0.59
N ASP A 175 -10.75 -9.67 -0.10
CA ASP A 175 -11.70 -10.78 -0.15
C ASP A 175 -11.41 -11.74 -1.32
N ARG A 176 -10.30 -11.53 -2.07
CA ARG A 176 -10.02 -12.36 -3.25
C ARG A 176 -8.51 -12.42 -3.54
N VAL A 177 -8.13 -13.06 -4.66
CA VAL A 177 -6.77 -13.05 -5.15
C VAL A 177 -6.85 -12.65 -6.62
N VAL A 178 -5.93 -11.77 -7.05
CA VAL A 178 -5.75 -11.42 -8.46
C VAL A 178 -4.31 -11.84 -8.86
N PHE A 179 -4.17 -12.93 -9.65
CA PHE A 179 -2.85 -13.35 -10.11
C PHE A 179 -2.44 -12.39 -11.23
N VAL A 180 -1.36 -11.66 -11.00
CA VAL A 180 -0.79 -10.72 -11.98
C VAL A 180 0.26 -11.46 -12.77
N LEU A 181 -0.02 -11.63 -14.06
CA LEU A 181 0.81 -12.42 -14.95
C LEU A 181 1.53 -11.61 -16.04
N TRP A 182 2.62 -12.17 -16.58
CA TRP A 182 3.29 -11.73 -17.82
C TRP A 182 3.29 -13.08 -18.54
N ALA A 183 2.11 -13.42 -19.10
CA ALA A 183 1.80 -14.77 -19.51
C ALA A 183 2.58 -15.31 -20.68
N HIS A 184 3.25 -16.44 -20.44
CA HIS A 184 4.01 -17.10 -21.51
C HIS A 184 3.49 -18.54 -21.80
N GLY A 185 2.58 -19.05 -20.98
CA GLY A 185 1.96 -20.35 -21.23
C GLY A 185 1.90 -21.32 -20.06
N PHE A 186 3.06 -21.67 -19.46
CA PHE A 186 3.10 -22.65 -18.38
C PHE A 186 2.31 -22.20 -17.16
N GLU A 187 2.28 -20.88 -16.88
CA GLU A 187 1.48 -20.42 -15.70
C GLU A 187 -0.02 -20.69 -15.94
N LEU A 188 -0.52 -20.45 -17.16
CA LEU A 188 -1.94 -20.69 -17.45
C LEU A 188 -2.29 -22.18 -17.45
N THR A 189 -1.43 -23.01 -18.02
CA THR A 189 -1.68 -24.45 -18.06
C THR A 189 -1.42 -25.15 -16.69
N SER A 190 -0.83 -24.43 -15.71
CA SER A 190 -0.64 -25.03 -14.38
C SER A 190 -1.85 -24.81 -13.46
N MET A 191 -2.71 -23.83 -13.78
CA MET A 191 -3.85 -23.45 -12.94
C MET A 191 -4.79 -24.59 -12.61
N LYS A 192 -5.02 -25.51 -13.55
CA LYS A 192 -5.89 -26.64 -13.32
C LYS A 192 -5.43 -27.56 -12.18
N TYR A 193 -4.14 -27.52 -11.84
CA TYR A 193 -3.62 -28.37 -10.78
C TYR A 193 -3.85 -27.82 -9.39
N PHE A 194 -4.29 -26.56 -9.26
CA PHE A 194 -4.50 -26.02 -7.90
C PHE A 194 -5.69 -25.06 -7.78
N VAL A 195 -6.45 -24.87 -8.87
CA VAL A 195 -7.58 -23.95 -8.93
C VAL A 195 -8.85 -24.71 -9.29
N LYS A 196 -9.95 -24.36 -8.64
CA LYS A 196 -11.28 -24.86 -8.95
C LYS A 196 -12.16 -23.63 -9.17
N ILE A 197 -13.08 -23.73 -10.10
CA ILE A 197 -14.02 -22.65 -10.37
C ILE A 197 -15.47 -23.15 -10.29
N GLY A 198 -16.39 -22.21 -10.17
CA GLY A 198 -17.82 -22.48 -10.14
C GLY A 198 -18.57 -21.23 -9.79
N PRO A 199 -19.80 -21.39 -9.28
CA PRO A 199 -20.57 -20.21 -8.89
C PRO A 199 -19.93 -19.52 -7.70
N GLU A 200 -20.18 -18.21 -7.53
CA GLU A 200 -19.70 -17.48 -6.35
C GLU A 200 -20.38 -18.08 -5.11
N ARG A 201 -19.59 -18.33 -4.07
CA ARG A 201 -20.08 -18.97 -2.86
C ARG A 201 -19.69 -18.22 -1.59
N THR A 202 -20.28 -18.59 -0.43
CA THR A 202 -19.88 -17.98 0.83
C THR A 202 -19.09 -18.98 1.67
N CYS A 203 -18.31 -18.48 2.62
CA CYS A 203 -17.52 -19.32 3.50
C CYS A 203 -18.43 -20.21 4.37
N CYS A 204 -17.94 -21.39 4.76
CA CYS A 204 -18.73 -22.30 5.61
C CYS A 204 -18.72 -21.84 7.08
N LEU A 205 -17.77 -20.99 7.50
CA LEU A 205 -17.68 -20.53 8.88
C LEU A 205 -17.98 -19.02 9.08
N CYS A 206 -18.24 -18.27 7.99
CA CYS A 206 -18.59 -16.85 8.09
C CYS A 206 -19.35 -16.35 6.82
N ASP A 207 -19.64 -15.04 6.73
CA ASP A 207 -20.39 -14.50 5.60
C ASP A 207 -19.53 -14.03 4.42
N ARG A 208 -18.18 -14.05 4.56
CA ARG A 208 -17.31 -13.62 3.47
C ARG A 208 -17.39 -14.53 2.26
N ARG A 209 -17.06 -14.01 1.05
CA ARG A 209 -17.06 -14.85 -0.13
C ARG A 209 -15.97 -15.93 0.00
N ALA A 210 -16.24 -17.07 -0.58
CA ALA A 210 -15.34 -18.21 -0.58
C ALA A 210 -14.18 -17.97 -1.54
N THR A 211 -12.97 -18.25 -1.07
CA THR A 211 -11.73 -18.13 -1.82
C THR A 211 -10.98 -19.46 -1.92
N CYS A 212 -11.37 -20.49 -1.12
CA CYS A 212 -10.72 -21.79 -1.09
C CYS A 212 -11.76 -22.94 -1.08
N PHE A 213 -11.35 -24.12 -1.55
CA PHE A 213 -12.18 -25.31 -1.55
C PHE A 213 -11.37 -26.48 -0.97
N SER A 214 -12.04 -27.36 -0.22
CA SER A 214 -11.39 -28.53 0.35
C SER A 214 -11.98 -29.79 -0.28
N THR A 215 -11.17 -30.63 -0.97
CA THR A 215 -11.69 -31.91 -1.48
C THR A 215 -11.91 -32.93 -0.32
N ALA A 216 -11.27 -32.73 0.84
CA ALA A 216 -11.42 -33.65 1.97
C ALA A 216 -12.82 -33.56 2.59
N SER A 217 -13.32 -32.34 2.83
CA SER A 217 -14.64 -32.16 3.42
C SER A 217 -15.73 -31.73 2.41
N ASP A 218 -15.36 -31.42 1.15
CA ASP A 218 -16.31 -30.91 0.15
C ASP A 218 -16.94 -29.57 0.63
N THR A 219 -16.14 -28.70 1.26
CA THR A 219 -16.61 -27.41 1.80
C THR A 219 -15.81 -26.21 1.24
N TYR A 220 -16.35 -24.99 1.44
CA TYR A 220 -15.71 -23.76 0.94
C TYR A 220 -15.36 -22.84 2.08
N ALA A 221 -14.33 -22.02 1.91
CA ALA A 221 -13.90 -21.12 2.96
C ALA A 221 -13.28 -19.86 2.41
N CYS A 222 -13.32 -18.78 3.21
CA CYS A 222 -12.65 -17.53 2.91
C CYS A 222 -11.16 -17.69 3.31
N TRP A 223 -10.30 -16.65 3.15
CA TRP A 223 -8.89 -16.75 3.55
C TRP A 223 -8.72 -16.95 5.09
N HIS A 224 -9.69 -16.52 5.91
CA HIS A 224 -9.56 -16.64 7.37
C HIS A 224 -9.92 -18.04 7.90
N HIS A 225 -10.63 -18.86 7.09
CA HIS A 225 -11.09 -20.16 7.60
C HIS A 225 -10.68 -21.34 6.75
N SER A 226 -9.58 -21.18 5.99
CA SER A 226 -9.12 -22.16 4.99
C SER A 226 -8.05 -23.14 5.50
N ILE A 227 -7.80 -23.21 6.82
CA ILE A 227 -6.77 -24.14 7.30
C ILE A 227 -7.07 -25.60 6.89
N GLY A 228 -6.10 -26.24 6.25
CA GLY A 228 -6.27 -27.60 5.76
C GLY A 228 -6.96 -27.71 4.41
N PHE A 229 -7.19 -26.58 3.74
CA PHE A 229 -7.83 -26.57 2.42
C PHE A 229 -6.80 -26.80 1.30
N ASP A 230 -7.23 -27.40 0.18
CA ASP A 230 -6.26 -27.76 -0.87
C ASP A 230 -6.46 -27.07 -2.22
N TYR A 231 -7.60 -26.42 -2.47
CA TYR A 231 -7.77 -25.71 -3.77
C TYR A 231 -8.07 -24.24 -3.64
N VAL A 232 -7.53 -23.43 -4.56
CA VAL A 232 -7.84 -22.02 -4.62
C VAL A 232 -9.14 -21.98 -5.43
N TYR A 233 -10.16 -21.31 -4.91
CA TYR A 233 -11.47 -21.30 -5.55
C TYR A 233 -11.81 -19.93 -6.13
N ASN A 234 -12.26 -19.91 -7.39
CA ASN A 234 -12.62 -18.66 -8.06
C ASN A 234 -11.57 -17.52 -7.92
N PRO A 235 -10.30 -17.80 -8.27
CA PRO A 235 -9.32 -16.71 -8.31
C PRO A 235 -9.58 -15.82 -9.51
N PHE A 236 -8.96 -14.64 -9.50
CA PHE A 236 -9.03 -13.74 -10.65
C PHE A 236 -7.60 -13.60 -11.20
N MET A 237 -7.47 -13.07 -12.40
CA MET A 237 -6.17 -12.94 -13.03
C MET A 237 -6.15 -11.91 -14.13
N ILE A 238 -4.96 -11.39 -14.40
CA ILE A 238 -4.77 -10.39 -15.44
C ILE A 238 -3.39 -10.58 -16.08
N ASP A 239 -3.36 -10.55 -17.41
CA ASP A 239 -2.11 -10.69 -18.13
C ASP A 239 -1.66 -9.30 -18.54
N VAL A 240 -0.60 -8.80 -17.90
CA VAL A 240 0.00 -7.49 -18.17
C VAL A 240 0.47 -7.38 -19.64
N GLN A 241 0.88 -8.50 -20.23
CA GLN A 241 1.32 -8.51 -21.63
C GLN A 241 0.17 -8.12 -22.61
N GLN A 242 -1.10 -8.06 -22.14
CA GLN A 242 -2.23 -7.64 -23.02
C GLN A 242 -2.32 -6.10 -23.13
N TRP A 243 -1.57 -5.36 -22.32
CA TRP A 243 -1.64 -3.91 -22.29
C TRP A 243 -0.86 -3.22 -23.39
N GLY A 244 -0.02 -3.95 -24.12
CA GLY A 244 0.75 -3.37 -25.21
C GLY A 244 2.16 -3.03 -24.77
N PHE A 245 3.08 -3.96 -24.97
CA PHE A 245 4.46 -3.76 -24.59
C PHE A 245 5.38 -4.24 -25.68
N THR A 246 6.54 -3.59 -25.76
CA THR A 246 7.57 -4.01 -26.68
C THR A 246 8.68 -4.61 -25.85
N GLY A 247 9.17 -5.77 -26.26
CA GLY A 247 10.25 -6.43 -25.53
C GLY A 247 9.80 -7.22 -24.33
N ASN A 248 10.75 -7.87 -23.68
CA ASN A 248 10.47 -8.78 -22.60
C ASN A 248 10.10 -8.09 -21.26
N LEU A 249 9.76 -8.92 -20.28
CA LEU A 249 9.40 -8.43 -18.95
C LEU A 249 10.55 -7.62 -18.34
N GLN A 250 11.76 -8.20 -18.30
CA GLN A 250 12.89 -7.52 -17.66
C GLN A 250 13.18 -6.13 -18.24
N SER A 251 13.14 -6.00 -19.58
CA SER A 251 13.41 -4.71 -20.21
C SER A 251 12.36 -3.66 -19.88
N ASN A 252 11.07 -4.05 -19.78
CA ASN A 252 10.02 -3.09 -19.44
C ASN A 252 10.08 -2.71 -17.95
N HIS A 253 10.27 -3.71 -17.10
CA HIS A 253 10.36 -3.49 -15.65
C HIS A 253 11.54 -2.55 -15.31
N ASP A 254 12.74 -2.85 -15.85
CA ASP A 254 13.99 -2.13 -15.56
C ASP A 254 14.02 -0.67 -16.01
N LEU A 255 13.11 -0.28 -16.90
CA LEU A 255 13.01 1.12 -17.33
C LEU A 255 12.61 2.04 -16.16
N TYR A 256 11.86 1.50 -15.20
CA TYR A 256 11.30 2.26 -14.10
C TYR A 256 11.79 1.83 -12.71
N CYS A 257 12.47 0.69 -12.59
CA CYS A 257 12.84 0.18 -11.27
C CYS A 257 14.20 -0.50 -11.21
N GLN A 258 14.99 -0.10 -10.21
CA GLN A 258 16.33 -0.66 -9.98
C GLN A 258 16.41 -1.48 -8.69
N VAL A 259 15.31 -1.61 -7.93
CA VAL A 259 15.33 -2.32 -6.64
C VAL A 259 15.10 -3.82 -6.77
N HIS A 260 14.38 -4.26 -7.82
CA HIS A 260 14.15 -5.68 -8.04
C HIS A 260 15.09 -6.17 -9.11
N GLY A 261 15.92 -7.14 -8.77
CA GLY A 261 16.84 -7.71 -9.74
C GLY A 261 16.25 -8.92 -10.43
N ASN A 262 17.04 -9.54 -11.30
CA ASN A 262 16.61 -10.76 -11.96
C ASN A 262 17.54 -11.87 -11.54
N ALA A 263 17.27 -12.50 -10.39
CA ALA A 263 18.12 -13.62 -9.95
C ALA A 263 17.84 -14.92 -10.73
N HIS A 264 17.09 -14.83 -11.86
CA HIS A 264 16.75 -15.90 -12.80
C HIS A 264 15.88 -17.03 -12.20
N VAL A 265 14.97 -16.67 -11.28
CA VAL A 265 14.03 -17.65 -10.69
C VAL A 265 12.58 -17.12 -10.85
N ALA A 266 11.60 -18.01 -10.80
CA ALA A 266 10.21 -17.63 -11.03
C ALA A 266 9.68 -16.53 -10.09
N SER A 267 10.07 -16.53 -8.79
CA SER A 267 9.61 -15.46 -7.89
C SER A 267 10.15 -14.11 -8.33
N CYS A 268 11.35 -14.04 -8.91
CA CYS A 268 11.90 -12.75 -9.37
C CYS A 268 11.01 -12.19 -10.49
N ASP A 269 10.63 -13.06 -11.43
CA ASP A 269 9.75 -12.65 -12.51
C ASP A 269 8.38 -12.23 -11.95
N ALA A 270 7.85 -12.98 -10.98
CA ALA A 270 6.57 -12.65 -10.32
C ALA A 270 6.62 -11.25 -9.67
N ILE A 271 7.71 -10.94 -8.97
CA ILE A 271 7.87 -9.65 -8.33
C ILE A 271 7.95 -8.54 -9.39
N MET A 272 8.74 -8.77 -10.45
CA MET A 272 8.90 -7.79 -11.53
C MET A 272 7.55 -7.52 -12.21
N THR A 273 6.78 -8.57 -12.43
CA THR A 273 5.48 -8.47 -13.09
C THR A 273 4.51 -7.57 -12.30
N ARG A 274 4.39 -7.86 -10.99
CA ARG A 274 3.53 -7.08 -10.12
C ARG A 274 4.04 -5.62 -10.03
N CYS A 275 5.35 -5.43 -9.91
CA CYS A 275 5.97 -4.10 -9.83
C CYS A 275 5.67 -3.30 -11.12
N LEU A 276 5.71 -3.96 -12.29
CA LEU A 276 5.45 -3.26 -13.54
C LEU A 276 3.97 -2.85 -13.59
N ALA A 277 3.07 -3.74 -13.14
CA ALA A 277 1.64 -3.46 -13.09
C ALA A 277 1.37 -2.27 -12.12
N VAL A 278 2.04 -2.24 -10.97
CA VAL A 278 1.89 -1.11 -10.03
C VAL A 278 2.39 0.20 -10.71
N HIS A 279 3.52 0.14 -11.42
CA HIS A 279 4.03 1.30 -12.13
C HIS A 279 3.01 1.87 -13.14
N GLU A 280 2.44 1.00 -13.96
CA GLU A 280 1.50 1.42 -15.01
C GLU A 280 0.17 1.95 -14.46
N CYS A 281 -0.27 1.43 -13.30
CA CYS A 281 -1.57 1.77 -12.77
C CYS A 281 -1.56 2.86 -11.69
N PHE A 282 -0.42 3.05 -11.01
CA PHE A 282 -0.38 3.98 -9.87
C PHE A 282 0.75 5.00 -9.94
N VAL A 283 1.75 4.78 -10.79
CA VAL A 283 2.86 5.73 -10.92
C VAL A 283 2.62 6.60 -12.18
N LYS A 284 2.68 6.04 -13.42
CA LYS A 284 2.47 6.83 -14.64
C LYS A 284 1.04 7.35 -14.76
N ARG A 285 0.08 6.56 -14.29
CA ARG A 285 -1.32 6.94 -14.27
C ARG A 285 -1.73 7.02 -12.80
N VAL A 286 -2.42 8.10 -12.39
CA VAL A 286 -2.85 8.24 -10.99
C VAL A 286 -4.36 8.49 -10.93
N ASP A 287 -5.05 7.87 -9.97
CA ASP A 287 -6.49 8.08 -9.81
C ASP A 287 -6.86 8.19 -8.34
N TRP A 288 -7.09 9.43 -7.88
CA TRP A 288 -7.47 9.65 -6.50
C TRP A 288 -9.01 9.63 -6.27
N THR A 289 -9.80 9.29 -7.30
CA THR A 289 -11.26 9.19 -7.16
C THR A 289 -11.67 7.78 -6.68
N ILE A 290 -10.88 6.76 -7.01
CA ILE A 290 -11.14 5.37 -6.62
C ILE A 290 -11.05 5.19 -5.12
N GLU A 291 -12.12 4.68 -4.53
CA GLU A 291 -12.24 4.46 -3.09
C GLU A 291 -11.93 2.99 -2.76
N TYR A 292 -11.23 2.76 -1.66
CA TYR A 292 -10.89 1.42 -1.23
C TYR A 292 -11.53 1.16 0.13
N PRO A 293 -12.04 -0.06 0.38
CA PRO A 293 -12.70 -0.34 1.65
C PRO A 293 -11.81 -0.28 2.90
N ILE A 294 -12.45 -0.10 4.05
CA ILE A 294 -11.74 -0.07 5.32
C ILE A 294 -11.35 -1.48 5.73
N ILE A 295 -10.06 -1.73 5.98
CA ILE A 295 -9.55 -3.03 6.41
C ILE A 295 -8.78 -3.03 7.74
N GLY A 296 -8.55 -1.85 8.30
CA GLY A 296 -7.76 -1.72 9.51
C GLY A 296 -8.09 -0.48 10.29
N ASP A 297 -7.05 0.23 10.72
CA ASP A 297 -7.18 1.44 11.55
C ASP A 297 -7.18 2.74 10.76
N GLU A 298 -7.63 2.71 9.49
CA GLU A 298 -7.68 3.92 8.64
C GLU A 298 -8.24 5.16 9.34
N LEU A 299 -9.43 5.05 9.97
CA LEU A 299 -10.09 6.19 10.57
C LEU A 299 -9.32 6.78 11.73
N LYS A 300 -8.82 5.91 12.64
CA LYS A 300 -8.02 6.32 13.79
C LYS A 300 -6.73 6.98 13.34
N ILE A 301 -6.09 6.41 12.29
CA ILE A 301 -4.86 6.98 11.76
C ILE A 301 -5.10 8.38 11.21
N ASN A 302 -6.15 8.56 10.36
CA ASN A 302 -6.42 9.87 9.77
C ASN A 302 -6.73 10.90 10.86
N ALA A 303 -7.54 10.52 11.85
CA ALA A 303 -7.89 11.42 12.95
C ALA A 303 -6.63 11.78 13.74
N ALA A 304 -5.75 10.79 13.99
CA ALA A 304 -4.50 10.99 14.71
C ALA A 304 -3.59 11.97 13.95
N CYS A 305 -3.49 11.83 12.62
CA CYS A 305 -2.72 12.75 11.79
C CYS A 305 -3.22 14.19 11.89
N ARG A 306 -4.56 14.41 11.89
CA ARG A 306 -5.10 15.75 12.01
C ARG A 306 -4.76 16.32 13.43
N LYS A 307 -4.86 15.48 14.44
CA LYS A 307 -4.58 15.86 15.84
C LYS A 307 -3.10 16.29 16.01
N VAL A 308 -2.16 15.46 15.53
CA VAL A 308 -0.73 15.74 15.60
C VAL A 308 -0.36 16.97 14.79
N GLN A 309 -0.91 17.11 13.54
CA GLN A 309 -0.61 18.30 12.75
C GLN A 309 -0.99 19.59 13.47
N HIS A 310 -2.19 19.65 14.05
CA HIS A 310 -2.65 20.83 14.77
C HIS A 310 -1.71 21.10 15.97
N MET A 311 -1.37 20.05 16.71
CA MET A 311 -0.50 20.19 17.89
C MET A 311 0.91 20.76 17.55
N VAL A 312 1.60 20.12 16.59
CA VAL A 312 2.94 20.51 16.22
C VAL A 312 3.03 21.91 15.62
N VAL A 313 2.14 22.23 14.65
CA VAL A 313 2.16 23.55 14.04
C VAL A 313 1.82 24.65 15.06
N LYS A 314 0.80 24.42 15.90
CA LYS A 314 0.41 25.39 16.91
C LYS A 314 1.58 25.69 17.85
N ALA A 315 2.30 24.63 18.27
CA ALA A 315 3.42 24.78 19.21
C ALA A 315 4.62 25.44 18.53
N ALA A 316 4.87 25.14 17.25
CA ALA A 316 5.97 25.78 16.53
C ALA A 316 5.68 27.28 16.40
N LEU A 317 4.42 27.65 16.10
CA LEU A 317 4.07 29.08 16.01
C LEU A 317 4.17 29.77 17.37
N LEU A 318 3.76 29.11 18.46
CA LEU A 318 3.86 29.75 19.80
C LEU A 318 5.31 29.90 20.25
N ALA A 319 6.12 28.88 19.95
CA ALA A 319 7.51 28.84 20.41
C ALA A 319 8.47 29.75 19.65
N ASP A 320 8.27 29.91 18.34
CA ASP A 320 9.18 30.73 17.56
C ASP A 320 8.53 31.96 16.90
N LYS A 321 7.21 32.15 17.04
CA LYS A 321 6.49 33.34 16.57
C LYS A 321 6.83 33.72 15.13
N PHE A 322 6.78 32.74 14.21
CA PHE A 322 7.05 33.02 12.81
C PHE A 322 5.97 33.96 12.28
N PRO A 323 6.37 35.04 11.60
CA PRO A 323 5.36 35.97 11.06
C PRO A 323 4.60 35.41 9.85
N VAL A 324 5.18 34.43 9.16
CA VAL A 324 4.56 33.84 7.95
C VAL A 324 4.81 32.33 7.93
N LEU A 325 3.81 31.58 7.41
CA LEU A 325 3.89 30.15 7.26
C LEU A 325 3.57 29.83 5.79
N HIS A 326 4.43 29.04 5.14
CA HIS A 326 4.28 28.63 3.74
C HIS A 326 3.82 27.18 3.76
N ASP A 327 2.56 26.94 3.44
CA ASP A 327 1.92 25.63 3.53
C ASP A 327 1.97 24.99 2.16
N ILE A 328 2.93 24.09 1.93
CA ILE A 328 3.13 23.51 0.59
C ILE A 328 2.54 22.12 0.49
N GLY A 329 1.64 21.91 -0.47
CA GLY A 329 1.06 20.59 -0.64
C GLY A 329 -0.36 20.60 -1.12
N ASN A 330 -1.17 19.66 -0.59
CA ASN A 330 -2.56 19.48 -1.05
C ASN A 330 -3.32 20.76 -1.43
N PRO A 331 -3.75 20.90 -2.71
CA PRO A 331 -4.47 22.13 -3.13
C PRO A 331 -5.82 22.35 -2.42
N LYS A 332 -6.31 21.35 -1.69
CA LYS A 332 -7.53 21.46 -0.91
C LYS A 332 -7.21 21.62 0.58
N ALA A 333 -5.96 21.95 0.96
CA ALA A 333 -5.63 22.10 2.37
C ALA A 333 -6.36 23.26 3.00
N ILE A 334 -6.66 23.09 4.28
CA ILE A 334 -7.32 24.03 5.17
C ILE A 334 -6.25 24.39 6.21
N LYS A 335 -6.29 25.62 6.79
CA LYS A 335 -5.34 26.04 7.84
C LYS A 335 -5.47 25.07 9.03
N CYS A 336 -4.38 24.42 9.47
CA CYS A 336 -4.50 23.45 10.58
C CYS A 336 -4.58 24.11 11.95
N VAL A 337 -4.25 25.42 12.03
CA VAL A 337 -4.34 26.19 13.29
C VAL A 337 -5.09 27.47 12.94
N PRO A 338 -6.43 27.37 12.80
CA PRO A 338 -7.21 28.55 12.36
C PRO A 338 -7.12 29.79 13.25
N GLN A 339 -6.84 29.61 14.55
CA GLN A 339 -6.76 30.76 15.44
C GLN A 339 -5.37 31.41 15.49
N ALA A 340 -4.36 30.85 14.81
CA ALA A 340 -3.01 31.43 14.81
C ALA A 340 -2.95 32.79 14.12
N ASP A 341 -2.11 33.70 14.64
CA ASP A 341 -1.98 35.06 14.14
C ASP A 341 -1.31 35.19 12.76
N VAL A 342 -0.40 34.26 12.49
CA VAL A 342 0.48 34.17 11.34
C VAL A 342 -0.16 34.45 9.96
N GLU A 343 0.65 35.00 9.06
CA GLU A 343 0.23 35.16 7.67
C GLU A 343 0.33 33.74 7.04
N TRP A 344 -0.80 33.12 6.71
CA TRP A 344 -0.83 31.76 6.18
C TRP A 344 -0.88 31.81 4.68
N LYS A 345 0.13 31.30 4.01
CA LYS A 345 0.17 31.30 2.54
C LYS A 345 0.21 29.88 2.01
N PHE A 346 -0.68 29.53 1.07
CA PHE A 346 -0.80 28.18 0.51
C PHE A 346 -0.15 28.05 -0.88
N TYR A 347 0.48 26.90 -1.13
CA TYR A 347 1.14 26.58 -2.41
C TYR A 347 0.63 25.19 -2.78
N ASP A 348 0.15 25.04 -4.01
CA ASP A 348 -0.46 23.79 -4.43
C ASP A 348 0.52 22.80 -5.02
N ALA A 349 0.44 21.57 -4.56
CA ALA A 349 1.20 20.47 -5.11
C ALA A 349 0.47 19.19 -4.82
N GLN A 350 0.10 18.43 -5.85
CA GLN A 350 -0.53 17.14 -5.66
C GLN A 350 0.52 16.16 -5.10
N PRO A 351 0.09 15.02 -4.52
CA PRO A 351 1.08 14.03 -4.03
C PRO A 351 1.97 13.56 -5.18
N CYS A 352 3.30 13.54 -5.00
CA CYS A 352 4.20 13.05 -6.05
C CYS A 352 4.19 11.55 -5.97
N SER A 353 3.87 10.88 -7.07
CA SER A 353 3.77 9.43 -7.08
C SER A 353 4.98 8.70 -7.64
N ASP A 354 5.86 9.40 -8.37
CA ASP A 354 7.02 8.79 -9.02
C ASP A 354 8.31 9.15 -8.25
N LYS A 355 8.93 10.32 -8.53
CA LYS A 355 10.11 10.74 -7.77
C LYS A 355 9.70 11.88 -6.83
N ALA A 356 10.42 12.06 -5.70
CA ALA A 356 10.15 13.18 -4.80
C ALA A 356 10.34 14.51 -5.55
N TYR A 357 9.57 15.55 -5.21
CA TYR A 357 9.71 16.85 -5.87
C TYR A 357 11.09 17.45 -5.64
N LYS A 358 11.66 18.13 -6.65
CA LYS A 358 12.92 18.83 -6.44
C LYS A 358 12.55 20.15 -5.77
N ILE A 359 13.15 20.46 -4.61
CA ILE A 359 12.87 21.72 -3.91
C ILE A 359 13.12 22.95 -4.81
N GLU A 360 14.13 22.86 -5.67
CA GLU A 360 14.46 23.93 -6.60
C GLU A 360 13.30 24.22 -7.54
N GLU A 361 12.58 23.17 -8.01
CA GLU A 361 11.44 23.37 -8.89
C GLU A 361 10.20 23.89 -8.13
N LEU A 362 9.99 23.49 -6.85
CA LEU A 362 8.84 24.00 -6.09
C LEU A 362 9.01 25.47 -5.73
N PHE A 363 10.23 25.89 -5.33
CA PHE A 363 10.48 27.23 -4.85
C PHE A 363 11.05 28.22 -5.83
N TYR A 364 11.79 27.76 -6.83
CA TYR A 364 12.44 28.70 -7.75
C TYR A 364 11.69 28.80 -9.08
N SER A 365 12.24 29.55 -10.04
CA SER A 365 11.59 29.93 -11.30
C SER A 365 10.62 31.09 -10.98
N TYR A 366 11.10 32.07 -10.18
CA TYR A 366 10.42 33.25 -9.66
C TYR A 366 9.08 32.93 -9.01
N HIS A 369 2.87 34.79 -5.16
CA HIS A 369 3.83 34.12 -4.29
C HIS A 369 4.48 35.08 -3.31
N SER A 370 4.79 34.58 -2.10
CA SER A 370 5.55 35.39 -1.15
C SER A 370 6.98 35.59 -1.68
N ASP A 371 7.51 34.57 -2.42
CA ASP A 371 8.82 34.46 -3.03
C ASP A 371 9.86 34.12 -1.97
N LYS A 372 9.78 34.76 -0.81
CA LYS A 372 10.72 34.51 0.28
C LYS A 372 10.28 33.34 1.17
N PHE A 373 10.56 32.11 0.71
CA PHE A 373 10.30 30.91 1.49
C PHE A 373 11.24 30.80 2.70
N THR A 374 12.35 31.59 2.71
CA THR A 374 13.32 31.67 3.80
C THR A 374 12.76 32.49 4.99
N ASP A 375 11.65 33.24 4.77
CA ASP A 375 10.97 34.00 5.82
C ASP A 375 10.00 33.05 6.51
N GLY A 376 9.91 33.17 7.82
CA GLY A 376 8.99 32.34 8.59
C GLY A 376 9.33 30.86 8.51
N VAL A 377 8.31 30.03 8.39
CA VAL A 377 8.49 28.59 8.38
C VAL A 377 7.70 27.95 7.24
N CYS A 378 8.19 26.81 6.75
CA CYS A 378 7.55 26.05 5.70
C CYS A 378 6.96 24.80 6.28
N LEU A 379 5.73 24.48 5.89
CA LEU A 379 5.04 23.31 6.37
C LEU A 379 4.89 22.33 5.21
N PHE A 380 5.48 21.12 5.31
CA PHE A 380 5.38 20.09 4.26
C PHE A 380 4.70 18.88 4.88
N TRP A 381 3.36 18.85 4.87
CA TRP A 381 2.62 17.77 5.48
C TRP A 381 2.30 16.78 4.40
N ASN A 382 3.13 15.73 4.32
CA ASN A 382 3.05 14.73 3.27
C ASN A 382 3.30 15.35 1.89
N CYS A 383 4.19 16.35 1.82
CA CYS A 383 4.58 16.90 0.52
C CYS A 383 6.04 16.49 0.36
N ASN A 384 6.26 15.40 -0.37
CA ASN A 384 7.56 14.75 -0.37
C ASN A 384 8.55 15.39 -1.34
N VAL A 385 9.59 16.02 -0.77
CA VAL A 385 10.61 16.69 -1.54
C VAL A 385 11.98 16.00 -1.36
N ASP A 386 12.90 16.27 -2.30
CA ASP A 386 14.25 15.70 -2.24
C ASP A 386 15.07 16.22 -1.03
N ARG A 387 14.92 17.50 -0.70
CA ARG A 387 15.67 18.09 0.41
C ARG A 387 14.90 19.24 1.03
N TYR A 388 14.48 19.07 2.29
CA TYR A 388 13.73 20.09 2.97
C TYR A 388 14.61 21.26 3.40
N PRO A 389 14.10 22.49 3.26
CA PRO A 389 14.85 23.65 3.75
C PRO A 389 14.97 23.60 5.28
N ALA A 390 15.99 24.25 5.81
CA ALA A 390 16.21 24.25 7.28
C ALA A 390 15.02 24.77 8.10
N ASN A 391 14.22 25.71 7.56
CA ASN A 391 13.11 26.30 8.31
C ASN A 391 11.79 25.56 8.03
N SER A 392 11.76 24.22 8.26
CA SER A 392 10.60 23.39 7.95
C SER A 392 10.00 22.62 9.14
N ILE A 393 8.71 22.22 8.98
CA ILE A 393 7.93 21.33 9.84
C ILE A 393 7.47 20.28 8.82
N VAL A 394 7.85 19.01 9.04
CA VAL A 394 7.57 17.97 8.04
C VAL A 394 6.94 16.73 8.59
N CYS A 395 6.00 16.19 7.84
CA CYS A 395 5.46 14.86 8.07
C CYS A 395 5.80 14.11 6.78
N ARG A 396 6.59 13.04 6.88
CA ARG A 396 6.99 12.25 5.73
C ARG A 396 6.70 10.77 5.98
N PHE A 397 5.92 10.13 5.07
CA PHE A 397 5.60 8.72 5.16
C PHE A 397 6.83 7.86 4.90
N ASP A 398 7.10 6.90 5.81
CA ASP A 398 8.21 5.98 5.67
C ASP A 398 7.71 4.74 4.92
N THR A 399 8.04 4.68 3.63
CA THR A 399 7.66 3.58 2.75
C THR A 399 8.16 2.20 3.22
N ARG A 400 9.19 2.14 4.09
CA ARG A 400 9.68 0.84 4.56
C ARG A 400 8.77 0.18 5.60
N VAL A 401 7.74 0.89 6.11
CA VAL A 401 6.86 0.36 7.16
C VAL A 401 6.05 -0.88 6.76
N LEU A 402 5.96 -1.84 7.69
CA LEU A 402 5.18 -3.06 7.43
C LEU A 402 3.80 -2.85 8.01
N SER A 403 2.77 -2.92 7.15
CA SER A 403 1.39 -2.76 7.55
C SER A 403 0.43 -3.28 6.49
N ASN A 404 -0.81 -3.60 6.91
CA ASN A 404 -1.85 -4.02 5.97
C ASN A 404 -2.27 -2.87 5.00
N LEU A 405 -1.99 -1.61 5.37
CA LEU A 405 -2.31 -0.47 4.48
C LEU A 405 -1.20 -0.21 3.45
N ASN A 406 0.04 -0.53 3.79
CA ASN A 406 1.19 -0.28 2.95
C ASN A 406 1.61 -1.49 2.10
N LEU A 407 1.39 -1.40 0.80
CA LEU A 407 1.74 -2.49 -0.10
C LEU A 407 3.11 -2.20 -0.76
N PRO A 408 3.87 -3.25 -1.13
CA PRO A 408 5.15 -3.02 -1.83
C PRO A 408 4.91 -2.31 -3.18
N GLY A 409 5.78 -1.36 -3.49
CA GLY A 409 5.63 -0.57 -4.70
C GLY A 409 6.80 -0.67 -5.68
N CYS A 410 6.93 0.37 -6.52
N CYS A 410 6.96 0.37 -6.51
CA CYS A 410 7.90 0.48 -7.60
CA CYS A 410 8.01 0.42 -7.53
C CYS A 410 9.16 1.30 -7.22
C CYS A 410 9.19 1.22 -7.10
N ASP A 411 10.36 0.77 -7.52
CA ASP A 411 11.63 1.46 -7.29
C ASP A 411 11.87 1.89 -5.86
N GLY A 412 11.47 1.04 -4.92
CA GLY A 412 11.66 1.38 -3.49
C GLY A 412 10.48 2.12 -2.88
N GLY A 413 9.60 2.67 -3.73
CA GLY A 413 8.39 3.31 -3.26
C GLY A 413 7.41 2.30 -2.71
N SER A 414 6.33 2.77 -2.10
CA SER A 414 5.31 1.86 -1.61
C SER A 414 3.94 2.38 -1.98
N LEU A 415 2.96 1.51 -2.04
CA LEU A 415 1.60 1.88 -2.37
C LEU A 415 0.78 1.94 -1.09
N TYR A 416 0.61 3.15 -0.55
CA TYR A 416 -0.14 3.36 0.69
C TYR A 416 -1.61 3.46 0.38
N VAL A 417 -2.39 2.48 0.83
CA VAL A 417 -3.82 2.46 0.52
C VAL A 417 -4.68 2.71 1.75
N ASN A 418 -5.16 3.94 1.86
CA ASN A 418 -6.00 4.34 2.99
C ASN A 418 -7.06 5.27 2.41
N LYS A 419 -8.25 4.70 2.12
CA LYS A 419 -9.39 5.33 1.44
C LYS A 419 -9.08 5.51 -0.06
N HIS A 420 -7.90 6.03 -0.38
CA HIS A 420 -7.42 6.17 -1.75
C HIS A 420 -6.01 5.55 -1.83
N ALA A 421 -5.54 5.24 -3.06
CA ALA A 421 -4.21 4.65 -3.21
C ALA A 421 -3.17 5.72 -3.56
N PHE A 422 -2.07 5.75 -2.82
CA PHE A 422 -1.01 6.71 -3.02
C PHE A 422 0.33 6.06 -3.18
N HIS A 423 0.86 6.00 -4.41
CA HIS A 423 2.21 5.49 -4.61
C HIS A 423 3.14 6.59 -4.11
N THR A 424 3.98 6.23 -3.16
CA THR A 424 4.84 7.18 -2.47
C THR A 424 6.29 6.91 -2.77
N PRO A 425 7.07 7.92 -3.19
CA PRO A 425 8.49 7.67 -3.48
C PRO A 425 9.25 7.16 -2.27
N ALA A 426 10.29 6.34 -2.52
CA ALA A 426 11.12 5.73 -1.48
C ALA A 426 11.57 6.70 -0.41
N PHE A 427 11.44 6.27 0.86
CA PHE A 427 11.90 7.02 2.00
C PHE A 427 13.43 7.26 1.86
N ASP A 428 13.87 8.48 2.15
CA ASP A 428 15.27 8.85 1.94
C ASP A 428 15.70 9.68 3.13
N LYS A 429 16.53 9.11 4.01
CA LYS A 429 17.02 9.83 5.19
C LYS A 429 17.76 11.13 4.87
N SER A 430 18.38 11.22 3.68
CA SER A 430 19.10 12.44 3.30
C SER A 430 18.18 13.63 3.01
N ALA A 431 16.85 13.41 2.83
CA ALA A 431 15.92 14.54 2.63
C ALA A 431 15.88 15.45 3.89
N PHE A 432 16.15 14.86 5.05
CA PHE A 432 16.03 15.52 6.36
C PHE A 432 17.34 16.07 6.91
N VAL A 433 18.39 16.21 6.08
CA VAL A 433 19.69 16.68 6.59
C VAL A 433 19.67 18.05 7.27
N ASN A 434 18.78 18.97 6.87
CA ASN A 434 18.73 20.29 7.51
C ASN A 434 17.83 20.36 8.77
N LEU A 435 17.22 19.24 9.15
CA LEU A 435 16.23 19.16 10.22
C LEU A 435 16.64 18.15 11.29
N LYS A 436 15.83 18.04 12.35
CA LYS A 436 16.04 17.02 13.37
C LYS A 436 14.71 16.28 13.55
N GLN A 437 14.74 15.11 14.18
CA GLN A 437 13.52 14.37 14.49
C GLN A 437 12.72 15.21 15.51
N LEU A 438 11.41 15.29 15.32
CA LEU A 438 10.55 16.03 16.23
C LEU A 438 10.26 15.12 17.44
N PRO A 439 10.63 15.55 18.64
CA PRO A 439 10.31 14.75 19.83
C PRO A 439 8.83 14.81 20.18
N PHE A 440 8.33 13.77 20.88
CA PHE A 440 6.95 13.76 21.36
C PHE A 440 6.81 14.81 22.46
N PHE A 441 5.68 15.49 22.45
CA PHE A 441 5.29 16.41 23.51
C PHE A 441 3.78 16.64 23.35
N TYR A 442 3.14 17.05 24.44
CA TYR A 442 1.75 17.41 24.43
C TYR A 442 1.69 18.82 25.01
N TYR A 443 1.06 19.74 24.30
CA TYR A 443 0.90 21.11 24.76
C TYR A 443 -0.59 21.44 24.83
N SER A 444 -1.00 22.14 25.89
CA SER A 444 -2.37 22.63 25.99
C SER A 444 -2.45 23.89 26.81
N ASP A 445 -3.19 24.87 26.29
CA ASP A 445 -3.52 26.12 26.98
C ASP A 445 -5.03 26.14 27.40
N SER A 446 -5.76 25.02 27.22
CA SER A 446 -7.16 24.92 27.62
C SER A 446 -7.22 24.96 29.16
N PRO A 447 -8.35 25.44 29.72
CA PRO A 447 -8.42 25.52 31.18
C PRO A 447 -8.37 24.15 31.85
N CYS A 448 -7.89 24.13 33.08
CA CYS A 448 -7.79 22.93 33.88
C CYS A 448 -9.16 22.77 34.52
N GLU A 449 -10.02 21.94 33.92
CA GLU A 449 -11.38 21.69 34.39
C GLU A 449 -11.88 20.38 33.76
N SER A 450 -12.34 19.43 34.59
CA SER A 450 -12.77 18.08 34.19
C SER A 450 -14.03 18.00 33.28
N HIS A 451 -15.26 18.28 33.82
CA HIS A 451 -16.53 18.20 33.08
C HIS A 451 -16.90 16.80 32.57
N GLY A 452 -18.06 16.31 33.01
CA GLY A 452 -18.59 15.02 32.61
C GLY A 452 -18.45 13.97 33.69
N ILE A 459 -13.91 5.15 32.98
CA ILE A 459 -12.76 6.05 32.84
C ILE A 459 -12.17 6.42 34.20
N ASP A 460 -11.49 5.47 34.86
CA ASP A 460 -10.90 5.74 36.19
C ASP A 460 -9.47 6.29 36.09
N TYR A 461 -9.01 6.95 37.18
CA TYR A 461 -7.75 7.71 37.22
C TYR A 461 -6.58 7.15 38.06
N VAL A 462 -5.35 7.47 37.59
CA VAL A 462 -4.01 7.23 38.15
C VAL A 462 -3.27 8.54 37.84
N PRO A 463 -2.69 9.26 38.83
CA PRO A 463 -2.06 10.56 38.51
C PRO A 463 -0.95 10.54 37.45
N LEU A 464 -0.94 11.55 36.56
CA LEU A 464 0.08 11.61 35.52
C LEU A 464 1.27 12.43 35.96
N LYS A 465 2.47 11.85 35.79
CA LYS A 465 3.74 12.53 36.01
C LYS A 465 4.48 12.39 34.68
N SER A 466 4.83 13.51 34.04
CA SER A 466 5.54 13.48 32.76
C SER A 466 6.19 14.81 32.46
N ALA A 467 7.45 14.79 32.06
CA ALA A 467 8.16 16.02 31.71
C ALA A 467 7.66 16.63 30.36
N THR A 468 6.96 15.82 29.55
CA THR A 468 6.50 16.29 28.23
C THR A 468 5.01 16.70 28.20
N CYS A 469 4.38 16.87 29.38
CA CYS A 469 2.99 17.36 29.44
C CYS A 469 3.13 18.85 29.67
N ILE A 470 3.11 19.63 28.61
CA ILE A 470 3.31 21.07 28.66
C ILE A 470 2.00 21.78 28.91
N THR A 471 1.66 21.90 30.22
CA THR A 471 0.42 22.52 30.62
C THR A 471 0.67 23.42 31.87
N ARG A 472 -0.24 24.36 32.13
CA ARG A 472 -0.21 25.25 33.29
C ARG A 472 -0.14 24.46 34.61
N CYS A 473 -0.89 23.34 34.70
CA CYS A 473 -0.94 22.48 35.89
C CYS A 473 0.37 21.75 36.10
N ASN A 474 1.08 21.39 35.00
CA ASN A 474 2.41 20.76 35.15
C ASN A 474 3.46 21.80 35.55
N LEU A 475 3.33 23.03 35.03
CA LEU A 475 4.19 24.14 35.40
C LEU A 475 4.01 24.42 36.92
N GLY A 476 2.76 24.39 37.37
CA GLY A 476 2.34 24.54 38.76
C GLY A 476 2.70 23.37 39.66
N GLY A 477 3.15 22.25 39.10
CA GLY A 477 3.61 21.12 39.90
C GLY A 477 2.78 19.85 39.96
N ALA A 478 1.55 19.87 39.44
CA ALA A 478 0.68 18.68 39.47
C ALA A 478 -0.35 18.71 38.32
N VAL A 479 -0.24 17.77 37.40
CA VAL A 479 -1.15 17.67 36.26
C VAL A 479 -2.60 17.39 36.68
N CYS A 480 -3.53 18.19 36.15
CA CYS A 480 -4.94 18.05 36.49
C CYS A 480 -5.53 16.80 35.75
N ARG A 481 -6.70 16.33 36.19
CA ARG A 481 -7.36 15.18 35.56
C ARG A 481 -7.64 15.39 34.09
N HIS A 482 -8.18 16.56 33.72
CA HIS A 482 -8.48 16.88 32.32
C HIS A 482 -7.22 16.77 31.45
N HIS A 483 -6.12 17.41 31.87
CA HIS A 483 -4.90 17.41 31.07
C HIS A 483 -4.21 16.04 31.08
N ALA A 484 -4.38 15.24 32.14
CA ALA A 484 -3.84 13.86 32.16
C ALA A 484 -4.64 12.99 31.18
N ASN A 485 -5.98 13.11 31.15
CA ASN A 485 -6.81 12.34 30.20
C ASN A 485 -6.46 12.73 28.78
N GLU A 486 -6.31 14.04 28.53
CA GLU A 486 -6.05 14.56 27.18
C GLU A 486 -4.65 14.16 26.72
N TYR A 487 -3.66 14.16 27.65
CA TYR A 487 -2.28 13.78 27.33
C TYR A 487 -2.26 12.33 26.91
N ARG A 488 -2.96 11.46 27.67
CA ARG A 488 -2.96 10.04 27.36
C ARG A 488 -3.65 9.73 26.03
N LEU A 489 -4.73 10.44 25.71
CA LEU A 489 -5.42 10.26 24.42
C LEU A 489 -4.51 10.73 23.28
N TYR A 490 -3.77 11.84 23.50
CA TYR A 490 -2.85 12.39 22.52
C TYR A 490 -1.67 11.47 22.29
N LEU A 491 -1.10 10.91 23.36
CA LEU A 491 -0.01 9.95 23.23
C LEU A 491 -0.45 8.70 22.40
N ASP A 492 -1.67 8.20 22.64
CA ASP A 492 -2.18 7.06 21.88
C ASP A 492 -2.31 7.41 20.40
N ALA A 493 -2.79 8.62 20.09
CA ALA A 493 -2.93 9.09 18.70
C ALA A 493 -1.57 9.24 18.02
N TYR A 494 -0.60 9.80 18.75
CA TYR A 494 0.77 9.96 18.29
C TYR A 494 1.39 8.59 17.94
N ASN A 495 1.27 7.62 18.86
CA ASN A 495 1.81 6.27 18.64
C ASN A 495 1.12 5.57 17.47
N MET A 496 -0.17 5.84 17.26
CA MET A 496 -0.93 5.26 16.14
C MET A 496 -0.36 5.82 14.81
N MET A 497 -0.08 7.11 14.77
CA MET A 497 0.47 7.77 13.57
C MET A 497 1.89 7.27 13.23
N ILE A 498 2.77 7.21 14.23
CA ILE A 498 4.13 6.73 14.07
C ILE A 498 4.12 5.26 13.63
N SER A 499 3.36 4.41 14.33
CA SER A 499 3.29 3.00 13.98
C SER A 499 2.71 2.79 12.58
N ALA A 500 1.87 3.71 12.06
CA ALA A 500 1.37 3.60 10.69
C ALA A 500 2.46 3.89 9.63
N GLY A 501 3.59 4.47 10.03
CA GLY A 501 4.69 4.75 9.16
C GLY A 501 5.08 6.21 9.01
N PHE A 502 4.29 7.13 9.59
CA PHE A 502 4.60 8.53 9.47
C PHE A 502 5.80 8.93 10.30
N SER A 503 6.61 9.83 9.78
CA SER A 503 7.78 10.33 10.50
C SER A 503 7.70 11.85 10.57
N LEU A 504 8.09 12.43 11.71
CA LEU A 504 7.99 13.87 11.96
C LEU A 504 9.36 14.54 12.15
N TRP A 505 9.58 15.65 11.45
CA TRP A 505 10.85 16.37 11.49
C TRP A 505 10.62 17.86 11.64
N VAL A 506 11.59 18.57 12.24
CA VAL A 506 11.40 19.97 12.54
C VAL A 506 12.71 20.74 12.45
N TYR A 507 12.61 22.07 12.28
CA TYR A 507 13.76 22.97 12.25
C TYR A 507 14.59 22.78 13.56
N LYS A 508 15.91 22.82 13.42
CA LYS A 508 16.81 22.49 14.53
C LYS A 508 16.66 23.36 15.77
N GLN A 509 16.16 24.59 15.64
CA GLN A 509 15.99 25.48 16.78
C GLN A 509 14.74 25.16 17.62
N PHE A 510 13.85 24.25 17.15
CA PHE A 510 12.64 23.90 17.90
C PHE A 510 12.98 23.38 19.30
N ASP A 511 12.41 24.02 20.31
CA ASP A 511 12.67 23.64 21.69
C ASP A 511 11.39 23.79 22.47
N THR A 512 10.86 22.70 23.04
CA THR A 512 9.62 22.79 23.82
C THR A 512 9.79 23.62 25.11
N TYR A 513 11.04 23.85 25.56
CA TYR A 513 11.28 24.72 26.73
C TYR A 513 10.72 26.13 26.48
N ASN A 514 10.61 26.55 25.18
CA ASN A 514 10.05 27.84 24.82
C ASN A 514 8.53 27.92 25.00
N LEU A 515 7.83 26.78 25.23
CA LEU A 515 6.39 26.79 25.41
C LEU A 515 5.96 27.08 26.85
N TRP A 516 6.84 26.87 27.83
CA TRP A 516 6.47 27.10 29.23
C TRP A 516 6.09 28.56 29.50
N ASN A 517 6.72 29.54 28.81
CA ASN A 517 6.39 30.95 29.04
C ASN A 517 5.14 31.44 28.32
N THR A 518 4.45 30.56 27.57
CA THR A 518 3.16 30.93 26.99
C THR A 518 2.03 30.82 28.08
N PHE A 519 2.37 30.47 29.34
CA PHE A 519 1.46 30.41 30.49
C PHE A 519 1.77 31.59 31.46
N THR A 520 1.63 32.83 30.99
CA THR A 520 1.88 34.02 31.83
C THR A 520 0.60 34.56 32.46
ZN ZN B . 10.48 -3.33 -9.52
ZN ZN C . -4.51 21.12 33.68
ZN ZN D . -14.84 -17.43 6.65
P PO4 E . -10.83 -5.72 -2.08
O1 PO4 E . -11.25 -6.68 -0.89
O2 PO4 E . -10.22 -4.37 -1.49
O3 PO4 E . -12.16 -5.42 -2.92
O4 PO4 E . -9.67 -6.39 -2.97
P PO4 F . -7.02 20.22 24.83
O1 PO4 F . -7.87 20.26 26.17
O2 PO4 F . -6.06 21.50 24.73
O3 PO4 F . -6.16 18.88 24.75
O4 PO4 F . -8.01 20.24 23.57
N1 LJ6 G . 2.35 11.18 0.67
C4 LJ6 G . 0.41 10.23 1.25
C5 LJ6 G . 1.05 11.30 0.61
C6 LJ6 G . 0.45 12.50 -0.06
C7 LJ6 G . 1.40 9.42 1.70
C8 LJ6 G . 1.44 8.13 2.42
C10 LJ6 G . -2.90 12.74 1.32
C1 LJ6 G . -0.94 11.23 3.59
C2 LJ6 G . -1.70 10.24 2.72
C3 LJ6 G . -1.08 10.02 1.34
O1 LJ6 G . 2.59 9.98 1.40
C9 LJ6 G . -3.19 10.60 2.71
O2 LJ6 G . -3.97 9.87 3.32
N2 LJ6 G . -3.64 11.72 2.07
C11 LJ6 G . -5.07 12.03 2.05
#